data_3EGV
#
_entry.id   3EGV
#
_cell.length_a   134.547
_cell.length_b   134.547
_cell.length_c   48.944
_cell.angle_alpha   90.00
_cell.angle_beta   90.00
_cell.angle_gamma   120.00
#
_symmetry.space_group_name_H-M   'P 62'
#
loop_
_entity.id
_entity.type
_entity.pdbx_description
1 polymer 'Ribosomal protein L11 methyltransferase'
2 polymer '50S ribosomal protein L11'
3 non-polymer S-ADENOSYL-L-HOMOCYSTEINE
4 non-polymer GLYCEROL
5 non-polymer 'CHLORIDE ION'
6 non-polymer 'IODIDE ION'
7 water water
#
loop_
_entity_poly.entity_id
_entity_poly.type
_entity_poly.pdbx_seq_one_letter_code
_entity_poly.pdbx_strand_id
1 'polypeptide(L)'
;MWVYRLKGTLEALDPILPGLFDGGARGLWEREGEVWAFFPAPVDLPYEGVWEEVGDEDWLEAWRRDLKPALAPPFVVLAP
WHTWEGAEIPLVIEPGMAFGTGHHETTRLALKALARHLRPGDKVLDLGTGSGVLAIAAEKLGGKALGVDIDPMVLPQAEA
NAKRNGVRPRFLEGSLEAALPFGPFDLLVANLYAELHAALAPRYREALVPGGRALLTGILKDRAPLVREAMAGAGFRPLE
EAAEGEWVLLAYGR
;
A
2 'polypeptide(L)'
;(4MM)KKVVAVVKLQLPAGAATPAPPVGPALGQHGANIMEFVKAFNAATANMGDAIVPVEITIYADRSFTFVTKTPPASY
LIRKAAGLEKGAHKPGREKVGRITWEQVLEIAKQKMPDLNTTDLEAAARMIAGSARSMGVEVVGAPEVKDA
;
B
#
loop_
_chem_comp.id
_chem_comp.type
_chem_comp.name
_chem_comp.formula
CL non-polymer 'CHLORIDE ION' 'Cl -1'
GOL non-polymer GLYCEROL 'C3 H8 O3'
IOD non-polymer 'IODIDE ION' 'I -1'
#
# COMPACT_ATOMS: atom_id res chain seq x y z
N MET A 1 2.82 -14.16 26.49
CA MET A 1 3.58 -12.90 26.66
C MET A 1 2.89 -12.02 27.70
N TRP A 2 3.65 -11.09 28.26
CA TRP A 2 3.14 -10.07 29.17
C TRP A 2 3.40 -8.69 28.59
N VAL A 3 2.59 -7.72 29.00
CA VAL A 3 2.82 -6.33 28.65
C VAL A 3 2.99 -5.50 29.94
N TYR A 4 3.91 -4.54 29.90
CA TYR A 4 4.06 -3.56 30.95
C TYR A 4 3.56 -2.26 30.34
N ARG A 5 2.45 -1.74 30.85
CA ARG A 5 1.86 -0.51 30.29
C ARG A 5 2.30 0.72 31.08
N LEU A 6 2.82 1.72 30.38
CA LEU A 6 3.30 2.96 31.00
C LEU A 6 2.60 4.18 30.41
N LYS A 7 2.28 5.14 31.26
CA LYS A 7 1.68 6.38 30.78
C LYS A 7 2.74 7.27 30.11
N GLY A 8 2.39 7.80 28.94
CA GLY A 8 3.30 8.66 28.19
C GLY A 8 3.56 8.15 26.78
N THR A 9 4.43 8.88 26.06
CA THR A 9 4.88 8.56 24.71
C THR A 9 6.32 8.03 24.73
N LEU A 10 6.76 7.37 23.65
CA LEU A 10 8.14 6.87 23.54
C LEU A 10 9.15 8.00 23.69
N GLU A 11 8.88 9.15 23.00
CA GLU A 11 9.74 10.29 23.19
C GLU A 11 9.77 10.69 24.68
N ALA A 12 8.59 10.82 25.29
CA ALA A 12 8.47 11.23 26.69
C ALA A 12 9.08 10.23 27.68
N LEU A 13 8.98 8.93 27.38
CA LEU A 13 9.52 7.90 28.27
C LEU A 13 10.93 7.47 27.88
N ASP A 14 11.49 8.10 26.83
CA ASP A 14 12.87 7.77 26.36
C ASP A 14 13.88 7.34 27.45
N PRO A 15 14.05 8.14 28.54
CA PRO A 15 15.13 7.88 29.52
C PRO A 15 15.04 6.54 30.28
N ILE A 16 13.82 5.97 30.29
CA ILE A 16 13.63 4.72 31.06
C ILE A 16 13.59 3.50 30.14
N LEU A 17 13.58 3.74 28.84
CA LEU A 17 13.40 2.67 27.84
C LEU A 17 14.53 1.62 27.80
N PRO A 18 15.82 2.04 27.83
CA PRO A 18 16.90 1.04 27.96
C PRO A 18 16.75 0.11 29.18
N GLY A 19 16.22 0.63 30.28
CA GLY A 19 15.92 -0.18 31.46
C GLY A 19 14.84 -1.23 31.20
N LEU A 20 13.89 -0.90 30.33
CA LEU A 20 12.86 -1.87 29.93
C LEU A 20 13.49 -2.96 29.06
N PHE A 21 14.35 -2.57 28.13
CA PHE A 21 15.09 -3.53 27.30
C PHE A 21 16.08 -4.41 28.10
N ASP A 22 16.88 -3.78 28.97
CA ASP A 22 17.76 -4.53 29.88
C ASP A 22 17.01 -5.58 30.71
N GLY A 23 15.75 -5.28 31.04
CA GLY A 23 14.89 -6.18 31.79
C GLY A 23 14.25 -7.29 30.97
N GLY A 24 14.52 -7.29 29.66
CA GLY A 24 14.06 -8.35 28.77
C GLY A 24 12.93 -7.99 27.81
N ALA A 25 12.63 -6.70 27.64
CA ALA A 25 11.58 -6.28 26.69
C ALA A 25 11.93 -6.66 25.26
N ARG A 26 10.93 -7.19 24.55
CA ARG A 26 11.11 -7.71 23.20
C ARG A 26 10.77 -6.66 22.13
N GLY A 27 10.12 -5.58 22.54
CA GLY A 27 9.66 -4.54 21.62
C GLY A 27 8.74 -3.58 22.35
N LEU A 28 8.68 -2.34 21.87
CA LEU A 28 7.81 -1.29 22.43
C LEU A 28 6.84 -0.80 21.37
N TRP A 29 5.63 -0.44 21.80
CA TRP A 29 4.55 -0.02 20.91
C TRP A 29 3.90 1.23 21.50
N GLU A 30 3.96 2.35 20.77
CA GLU A 30 3.31 3.54 21.26
C GLU A 30 1.84 3.47 20.91
N ARG A 31 0.99 3.60 21.92
CA ARG A 31 -0.45 3.60 21.72
C ARG A 31 -1.00 4.96 22.21
N GLU A 32 -2.31 5.11 22.26
CA GLU A 32 -2.89 6.39 22.68
C GLU A 32 -2.65 6.65 24.16
N GLY A 33 -1.71 7.55 24.43
CA GLY A 33 -1.36 8.00 25.79
C GLY A 33 -0.48 7.05 26.58
N GLU A 34 -0.09 5.93 25.96
CA GLU A 34 0.66 4.90 26.66
C GLU A 34 1.74 4.28 25.79
N VAL A 35 2.76 3.74 26.43
CA VAL A 35 3.71 2.83 25.79
C VAL A 35 3.51 1.41 26.33
N TRP A 36 3.41 0.45 25.41
CA TRP A 36 3.23 -0.95 25.74
C TRP A 36 4.53 -1.67 25.48
N ALA A 37 5.13 -2.17 26.56
CA ALA A 37 6.39 -2.90 26.51
C ALA A 37 6.15 -4.39 26.74
N PHE A 38 6.55 -5.22 25.79
CA PHE A 38 6.24 -6.65 25.80
C PHE A 38 7.40 -7.49 26.33
N PHE A 39 7.09 -8.42 27.25
CA PHE A 39 8.08 -9.28 27.94
C PHE A 39 7.61 -10.75 27.95
N PRO A 40 8.55 -11.72 27.91
CA PRO A 40 8.10 -13.12 28.06
C PRO A 40 7.44 -13.35 29.42
N ALA A 41 7.92 -12.63 30.44
CA ALA A 41 7.43 -12.74 31.81
C ALA A 41 7.61 -11.40 32.53
N PRO A 42 6.87 -11.21 33.69
CA PRO A 42 7.02 -9.96 34.45
C PRO A 42 8.28 -9.94 35.32
N VAL A 43 8.80 -8.74 35.60
CA VAL A 43 10.00 -8.54 36.43
C VAL A 43 9.81 -7.42 37.48
N ASP A 44 10.57 -7.46 38.60
CA ASP A 44 10.46 -6.37 39.57
C ASP A 44 11.03 -5.08 38.92
N LEU A 45 10.14 -4.13 38.58
CA LEU A 45 10.55 -2.83 37.98
C LEU A 45 10.22 -1.58 38.88
N PRO A 46 11.07 -0.53 38.84
CA PRO A 46 10.90 0.69 39.75
C PRO A 46 9.97 1.77 39.16
N TYR A 47 9.36 1.51 37.98
CA TYR A 47 8.72 2.58 37.19
C TYR A 47 7.21 2.87 37.38
N GLU A 48 6.55 2.11 38.25
CA GLU A 48 5.09 2.29 38.50
C GLU A 48 4.14 2.09 37.28
N GLY A 49 4.54 1.24 36.32
CA GLY A 49 3.63 0.80 35.28
C GLY A 49 2.69 -0.30 35.79
N VAL A 50 1.95 -0.89 34.85
CA VAL A 50 0.96 -1.94 35.14
C VAL A 50 1.29 -3.18 34.31
N TRP A 51 1.37 -4.34 34.97
CA TRP A 51 1.62 -5.60 34.28
C TRP A 51 0.31 -6.29 33.91
N GLU A 52 0.22 -6.75 32.67
CA GLU A 52 -0.92 -7.52 32.20
C GLU A 52 -0.43 -8.74 31.40
N GLU A 53 -1.04 -9.90 31.62
CA GLU A 53 -0.75 -11.10 30.84
C GLU A 53 -1.66 -11.07 29.58
N VAL A 54 -1.06 -11.23 28.39
CA VAL A 54 -1.80 -11.02 27.12
C VAL A 54 -1.94 -12.27 26.26
N GLY A 55 -1.48 -13.40 26.77
CA GLY A 55 -1.58 -14.66 26.03
C GLY A 55 -0.64 -14.74 24.84
N ASP A 56 -0.99 -15.58 23.86
CA ASP A 56 -0.16 -15.77 22.67
C ASP A 56 -1.01 -16.08 21.43
N GLU A 57 -1.58 -15.04 20.83
CA GLU A 57 -2.54 -15.16 19.72
C GLU A 57 -1.83 -15.36 18.38
N ASP A 58 -2.48 -16.07 17.44
CA ASP A 58 -1.86 -16.29 16.14
C ASP A 58 -2.26 -15.11 15.26
N TRP A 59 -1.44 -14.07 15.25
CA TRP A 59 -1.80 -12.83 14.53
C TRP A 59 -1.80 -13.03 13.02
N LEU A 60 -0.98 -14.00 12.56
CA LEU A 60 -0.87 -14.29 11.13
C LEU A 60 -2.11 -14.96 10.58
N GLU A 61 -2.61 -15.98 11.30
CA GLU A 61 -3.84 -16.63 10.89
C GLU A 61 -5.04 -15.67 10.98
N ALA A 62 -5.00 -14.75 11.95
CA ALA A 62 -6.06 -13.77 12.10
C ALA A 62 -6.09 -12.82 10.91
N TRP A 63 -4.89 -12.40 10.49
CA TRP A 63 -4.74 -11.49 9.35
C TRP A 63 -5.31 -12.15 8.07
N ARG A 64 -4.92 -13.41 7.83
CA ARG A 64 -5.39 -14.14 6.65
C ARG A 64 -6.91 -14.34 6.69
N ARG A 65 -7.42 -14.69 7.87
CA ARG A 65 -8.86 -14.87 8.09
C ARG A 65 -9.69 -13.63 7.72
N ASP A 66 -9.23 -12.45 8.13
CA ASP A 66 -9.98 -11.22 7.92
C ASP A 66 -9.68 -10.49 6.57
N LEU A 67 -8.73 -10.99 5.78
CA LEU A 67 -8.52 -10.41 4.43
C LEU A 67 -9.26 -11.30 3.42
N LYS A 68 -10.27 -10.71 2.76
CA LYS A 68 -11.18 -11.46 1.88
C LYS A 68 -10.90 -11.03 0.44
N PRO A 69 -11.25 -11.88 -0.56
CA PRO A 69 -11.14 -11.45 -1.96
C PRO A 69 -11.85 -10.13 -2.18
N ALA A 70 -11.29 -9.28 -3.04
CA ALA A 70 -11.92 -8.00 -3.37
C ALA A 70 -12.58 -8.10 -4.74
N LEU A 71 -13.90 -8.04 -4.77
CA LEU A 71 -14.62 -8.24 -6.02
C LEU A 71 -14.75 -6.92 -6.79
N ALA A 72 -14.38 -6.95 -8.08
CA ALA A 72 -14.51 -5.79 -8.97
C ALA A 72 -14.86 -6.31 -10.38
N PRO A 73 -16.12 -6.77 -10.56
CA PRO A 73 -16.49 -7.48 -11.79
C PRO A 73 -16.05 -6.71 -13.04
N PRO A 74 -15.46 -7.41 -14.02
CA PRO A 74 -15.35 -8.86 -14.16
C PRO A 74 -14.20 -9.53 -13.40
N PHE A 75 -13.50 -8.79 -12.54
CA PHE A 75 -12.30 -9.29 -11.86
C PHE A 75 -12.59 -9.63 -10.40
N VAL A 76 -11.71 -10.44 -9.84
CA VAL A 76 -11.62 -10.63 -8.38
C VAL A 76 -10.14 -10.54 -7.98
N VAL A 77 -9.84 -9.73 -6.98
CA VAL A 77 -8.44 -9.56 -6.59
C VAL A 77 -8.21 -10.42 -5.37
N LEU A 78 -7.30 -11.37 -5.54
CA LEU A 78 -7.02 -12.43 -4.60
C LEU A 78 -5.62 -12.32 -4.00
N ALA A 79 -5.52 -12.58 -2.70
CA ALA A 79 -4.21 -12.81 -2.11
C ALA A 79 -3.68 -14.18 -2.57
N PRO A 80 -2.35 -14.40 -2.48
CA PRO A 80 -1.77 -15.70 -2.91
C PRO A 80 -2.41 -16.93 -2.26
N TRP A 81 -2.92 -16.79 -1.03
CA TRP A 81 -3.50 -17.94 -0.28
C TRP A 81 -4.99 -18.17 -0.54
N HIS A 82 -5.64 -17.26 -1.29
CA HIS A 82 -7.08 -17.35 -1.49
C HIS A 82 -7.44 -18.38 -2.56
N THR A 83 -8.60 -19.03 -2.38
CA THR A 83 -9.22 -19.84 -3.43
C THR A 83 -10.40 -19.06 -4.02
N TRP A 84 -10.79 -19.36 -5.26
CA TRP A 84 -11.96 -18.71 -5.85
C TRP A 84 -12.66 -19.65 -6.82
N GLU A 85 -13.99 -19.73 -6.72
CA GLU A 85 -14.77 -20.68 -7.51
C GLU A 85 -15.69 -20.07 -8.60
N GLY A 86 -15.76 -18.75 -8.66
CA GLY A 86 -16.57 -18.04 -9.70
C GLY A 86 -15.96 -17.90 -11.11
N ALA A 87 -16.69 -17.23 -12.01
CA ALA A 87 -16.23 -17.03 -13.40
C ALA A 87 -15.41 -15.74 -13.55
N GLU A 88 -15.27 -15.01 -12.45
CA GLU A 88 -14.43 -13.78 -12.44
C GLU A 88 -13.00 -14.04 -12.87
N ILE A 89 -12.41 -13.07 -13.54
CA ILE A 89 -11.00 -13.12 -13.91
C ILE A 89 -10.16 -12.86 -12.65
N PRO A 90 -9.35 -13.85 -12.22
CA PRO A 90 -8.57 -13.60 -11.01
C PRO A 90 -7.32 -12.78 -11.25
N LEU A 91 -7.05 -11.87 -10.31
CA LEU A 91 -5.82 -11.09 -10.27
C LEU A 91 -5.18 -11.38 -8.92
N VAL A 92 -4.04 -12.06 -8.92
CA VAL A 92 -3.37 -12.39 -7.64
C VAL A 92 -2.40 -11.26 -7.29
N ILE A 93 -2.67 -10.58 -6.18
CA ILE A 93 -1.83 -9.49 -5.70
C ILE A 93 -1.45 -9.71 -4.24
N GLU A 94 -0.15 -9.76 -3.99
CA GLU A 94 0.40 -9.92 -2.65
C GLU A 94 0.15 -8.62 -1.87
N PRO A 95 -0.67 -8.66 -0.80
CA PRO A 95 -0.76 -7.39 -0.03
C PRO A 95 0.59 -7.08 0.60
N GLY A 96 1.15 -5.92 0.28
CA GLY A 96 2.55 -5.68 0.56
C GLY A 96 2.85 -4.22 0.75
N MET A 97 3.89 -3.75 0.08
CA MET A 97 4.39 -2.39 0.31
C MET A 97 4.19 -1.48 -0.91
N ALA A 98 3.14 -1.74 -1.68
CA ALA A 98 2.80 -0.94 -2.87
C ALA A 98 1.30 -0.72 -2.89
N PHE A 99 0.85 0.52 -3.14
CA PHE A 99 -0.61 0.72 -3.26
C PHE A 99 -1.14 -0.01 -4.48
N GLY A 100 -2.35 -0.58 -4.34
CA GLY A 100 -3.00 -1.37 -5.39
C GLY A 100 -3.23 -2.83 -4.99
N THR A 101 -3.64 -3.05 -3.73
CA THR A 101 -3.99 -4.41 -3.27
C THR A 101 -5.34 -4.85 -3.82
N GLY A 102 -6.11 -3.90 -4.35
CA GLY A 102 -7.53 -4.10 -4.71
C GLY A 102 -8.53 -3.72 -3.63
N HIS A 103 -8.04 -3.42 -2.44
CA HIS A 103 -8.90 -3.07 -1.29
C HIS A 103 -9.08 -1.56 -1.16
N HIS A 104 -9.29 -0.91 -2.29
CA HIS A 104 -9.70 0.49 -2.31
C HIS A 104 -10.71 0.73 -3.42
N GLU A 105 -11.63 1.66 -3.16
CA GLU A 105 -12.63 2.05 -4.18
C GLU A 105 -11.99 2.45 -5.51
N THR A 106 -10.88 3.17 -5.45
CA THR A 106 -10.35 3.79 -6.68
C THR A 106 -9.76 2.69 -7.59
N THR A 107 -9.02 1.78 -6.99
CA THR A 107 -8.43 0.67 -7.75
C THR A 107 -9.58 -0.12 -8.40
N ARG A 108 -10.64 -0.38 -7.63
CA ARG A 108 -11.79 -1.14 -8.16
C ARG A 108 -12.52 -0.41 -9.31
N LEU A 109 -12.76 0.89 -9.14
CA LEU A 109 -13.38 1.69 -10.21
C LEU A 109 -12.55 1.59 -11.51
N ALA A 110 -11.23 1.68 -11.36
CA ALA A 110 -10.34 1.61 -12.52
C ALA A 110 -10.40 0.22 -13.21
N LEU A 111 -10.45 -0.85 -12.41
CA LEU A 111 -10.57 -2.21 -12.98
C LEU A 111 -11.87 -2.36 -13.79
N LYS A 112 -12.96 -1.84 -13.24
CA LYS A 112 -14.25 -1.95 -13.96
C LYS A 112 -14.20 -1.14 -15.25
N ALA A 113 -13.62 0.07 -15.19
CA ALA A 113 -13.52 0.94 -16.37
C ALA A 113 -12.63 0.30 -17.47
N LEU A 114 -11.57 -0.39 -17.07
CA LEU A 114 -10.75 -1.15 -18.06
C LEU A 114 -11.63 -2.15 -18.81
N ALA A 115 -12.49 -2.87 -18.07
CA ALA A 115 -13.38 -3.84 -18.75
C ALA A 115 -14.29 -3.20 -19.79
N ARG A 116 -14.80 -2.02 -19.47
CA ARG A 116 -15.75 -1.36 -20.39
C ARG A 116 -15.05 -0.87 -21.67
N HIS A 117 -13.78 -0.46 -21.59
CA HIS A 117 -13.17 0.27 -22.69
C HIS A 117 -12.02 -0.43 -23.45
N LEU A 118 -11.40 -1.44 -22.83
CA LEU A 118 -10.21 -2.08 -23.41
C LEU A 118 -10.54 -3.08 -24.52
N ARG A 119 -10.17 -2.73 -25.76
CA ARG A 119 -10.34 -3.64 -26.91
C ARG A 119 -9.15 -4.61 -26.96
N PRO A 120 -9.40 -5.89 -27.28
CA PRO A 120 -8.29 -6.85 -27.38
C PRO A 120 -7.18 -6.33 -28.31
N GLY A 121 -5.96 -6.40 -27.83
CA GLY A 121 -4.80 -6.03 -28.63
C GLY A 121 -4.32 -4.60 -28.45
N ASP A 122 -5.13 -3.78 -27.79
CA ASP A 122 -4.79 -2.37 -27.65
C ASP A 122 -3.66 -2.11 -26.63
N LYS A 123 -2.92 -1.03 -26.89
CA LYS A 123 -1.84 -0.57 -26.01
C LYS A 123 -2.39 0.24 -24.84
N VAL A 124 -1.94 -0.10 -23.64
CA VAL A 124 -2.46 0.52 -22.43
C VAL A 124 -1.31 1.15 -21.62
N LEU A 125 -1.47 2.40 -21.20
CA LEU A 125 -0.56 3.05 -20.24
C LEU A 125 -1.23 3.06 -18.87
N ASP A 126 -0.56 2.45 -17.88
CA ASP A 126 -1.01 2.50 -16.48
C ASP A 126 -0.07 3.45 -15.77
N LEU A 127 -0.56 4.67 -15.54
CA LEU A 127 0.26 5.75 -15.01
C LEU A 127 0.12 5.79 -13.51
N GLY A 128 1.23 5.54 -12.81
CA GLY A 128 1.19 5.37 -11.35
C GLY A 128 0.82 3.92 -11.01
N THR A 129 1.63 2.97 -11.47
CA THR A 129 1.21 1.56 -11.46
C THR A 129 1.19 0.90 -10.07
N GLY A 130 2.04 1.39 -9.16
CA GLY A 130 2.00 0.87 -7.76
C GLY A 130 2.29 -0.61 -7.80
N SER A 131 1.35 -1.42 -7.30
CA SER A 131 1.46 -2.91 -7.23
C SER A 131 1.48 -3.59 -8.58
N GLY A 132 1.11 -2.84 -9.63
CA GLY A 132 1.01 -3.33 -11.02
C GLY A 132 -0.38 -3.86 -11.38
N VAL A 133 -1.30 -3.80 -10.40
CA VAL A 133 -2.60 -4.45 -10.57
C VAL A 133 -3.33 -4.05 -11.88
N LEU A 134 -3.37 -2.74 -12.19
CA LEU A 134 -4.10 -2.31 -13.42
C LEU A 134 -3.43 -2.78 -14.71
N ALA A 135 -2.10 -2.69 -14.78
CA ALA A 135 -1.37 -3.19 -15.94
C ALA A 135 -1.60 -4.71 -16.10
N ILE A 136 -1.64 -5.43 -14.98
CA ILE A 136 -1.83 -6.87 -15.01
C ILE A 136 -3.26 -7.18 -15.51
N ALA A 137 -4.25 -6.48 -14.97
CA ALA A 137 -5.65 -6.64 -15.46
C ALA A 137 -5.73 -6.36 -16.98
N ALA A 138 -5.02 -5.33 -17.44
CA ALA A 138 -5.01 -4.96 -18.88
C ALA A 138 -4.49 -6.14 -19.70
N GLU A 139 -3.42 -6.77 -19.24
CA GLU A 139 -2.89 -7.95 -19.92
C GLU A 139 -3.88 -9.12 -19.95
N LYS A 140 -4.58 -9.30 -18.82
CA LYS A 140 -5.58 -10.38 -18.73
C LYS A 140 -6.71 -10.17 -19.72
N LEU A 141 -7.00 -8.90 -20.03
CA LEU A 141 -8.00 -8.54 -21.05
C LEU A 141 -7.45 -8.51 -22.49
N GLY A 142 -6.21 -8.96 -22.70
CA GLY A 142 -5.68 -8.97 -24.08
C GLY A 142 -4.98 -7.68 -24.53
N GLY A 143 -4.83 -6.75 -23.58
CA GLY A 143 -4.11 -5.50 -23.83
C GLY A 143 -2.60 -5.68 -23.72
N LYS A 144 -1.88 -4.70 -24.25
CA LYS A 144 -0.42 -4.68 -24.17
C LYS A 144 -0.03 -3.47 -23.28
N ALA A 145 0.37 -3.73 -22.04
CA ALA A 145 0.45 -2.70 -20.99
C ALA A 145 1.87 -2.23 -20.68
N LEU A 146 1.98 -0.95 -20.39
CA LEU A 146 3.21 -0.35 -19.83
C LEU A 146 2.80 0.32 -18.53
N GLY A 147 3.41 -0.11 -17.42
CA GLY A 147 3.10 0.44 -16.09
C GLY A 147 4.29 1.34 -15.73
N VAL A 148 4.03 2.59 -15.36
CA VAL A 148 5.13 3.50 -14.97
C VAL A 148 4.88 4.04 -13.55
N ASP A 149 5.94 4.29 -12.79
CA ASP A 149 5.79 4.87 -11.43
C ASP A 149 7.00 5.71 -11.09
N ILE A 150 6.77 6.87 -10.46
CA ILE A 150 7.87 7.72 -10.01
C ILE A 150 8.61 7.13 -8.82
N ASP A 151 7.99 6.15 -8.15
CA ASP A 151 8.54 5.52 -6.96
C ASP A 151 9.28 4.24 -7.36
N PRO A 152 10.64 4.26 -7.35
CA PRO A 152 11.34 3.06 -7.85
C PRO A 152 11.11 1.82 -6.98
N MET A 153 10.72 2.02 -5.72
CA MET A 153 10.55 0.92 -4.77
C MET A 153 9.39 0.01 -5.15
N VAL A 154 8.43 0.52 -5.91
CA VAL A 154 7.25 -0.30 -6.25
C VAL A 154 7.50 -1.24 -7.44
N LEU A 155 8.51 -0.94 -8.26
CA LEU A 155 8.64 -1.63 -9.55
C LEU A 155 9.01 -3.11 -9.40
N PRO A 156 9.95 -3.45 -8.48
CA PRO A 156 10.16 -4.91 -8.24
C PRO A 156 8.90 -5.63 -7.71
N GLN A 157 8.07 -4.89 -6.98
CA GLN A 157 6.82 -5.45 -6.47
C GLN A 157 5.83 -5.73 -7.61
N ALA A 158 5.71 -4.77 -8.55
CA ALA A 158 4.85 -4.91 -9.71
C ALA A 158 5.35 -6.08 -10.57
N GLU A 159 6.67 -6.17 -10.75
CA GLU A 159 7.25 -7.32 -11.52
C GLU A 159 6.89 -8.66 -10.88
N ALA A 160 7.08 -8.75 -9.57
CA ALA A 160 6.74 -9.97 -8.83
C ALA A 160 5.25 -10.31 -8.99
N ASN A 161 4.40 -9.28 -8.89
CA ASN A 161 2.95 -9.51 -9.07
C ASN A 161 2.63 -10.00 -10.50
N ALA A 162 3.28 -9.41 -11.52
CA ALA A 162 3.03 -9.86 -12.91
C ALA A 162 3.39 -11.33 -13.03
N LYS A 163 4.52 -11.74 -12.46
CA LYS A 163 4.96 -13.16 -12.55
C LYS A 163 3.92 -14.08 -11.90
N ARG A 164 3.31 -13.64 -10.78
CA ARG A 164 2.26 -14.42 -10.10
C ARG A 164 1.05 -14.67 -10.98
N ASN A 165 0.88 -13.80 -11.99
CA ASN A 165 -0.28 -13.80 -12.85
C ASN A 165 0.00 -14.30 -14.27
N GLY A 166 1.26 -14.67 -14.52
CA GLY A 166 1.65 -15.24 -15.79
C GLY A 166 1.52 -14.27 -16.95
N VAL A 167 1.66 -12.97 -16.67
CA VAL A 167 1.60 -11.94 -17.73
C VAL A 167 2.88 -11.11 -17.78
N ARG A 168 3.08 -10.41 -18.90
CA ARG A 168 4.35 -9.73 -19.16
C ARG A 168 4.17 -8.27 -19.60
N PRO A 169 3.56 -7.43 -18.75
CA PRO A 169 3.58 -5.99 -19.00
C PRO A 169 5.03 -5.50 -18.86
N ARG A 170 5.29 -4.34 -19.45
CA ARG A 170 6.58 -3.68 -19.27
C ARG A 170 6.43 -2.68 -18.11
N PHE A 171 7.44 -2.60 -17.25
CA PHE A 171 7.40 -1.64 -16.12
C PHE A 171 8.60 -0.70 -16.20
N LEU A 172 8.36 0.58 -15.96
CA LEU A 172 9.39 1.62 -16.07
C LEU A 172 9.32 2.62 -14.92
N GLU A 173 10.47 3.11 -14.49
CA GLU A 173 10.52 4.22 -13.55
C GLU A 173 10.37 5.55 -14.28
N GLY A 174 9.48 6.39 -13.77
CA GLY A 174 9.30 7.73 -14.34
C GLY A 174 7.83 8.12 -14.34
N SER A 175 7.51 9.22 -15.02
CA SER A 175 6.12 9.60 -15.19
C SER A 175 5.72 9.60 -16.65
N LEU A 176 4.77 10.47 -16.98
CA LEU A 176 4.23 10.52 -18.32
C LEU A 176 5.31 10.71 -19.38
N GLU A 177 6.30 11.55 -19.10
CA GLU A 177 7.37 11.86 -20.06
C GLU A 177 8.15 10.60 -20.43
N ALA A 178 8.44 9.78 -19.42
CA ALA A 178 9.20 8.54 -19.62
C ALA A 178 8.42 7.54 -20.50
N ALA A 179 7.08 7.61 -20.41
CA ALA A 179 6.20 6.69 -21.15
C ALA A 179 6.01 7.09 -22.60
N LEU A 180 6.14 8.38 -22.90
CA LEU A 180 5.83 8.84 -24.25
C LEU A 180 6.53 8.11 -25.42
N PRO A 181 7.84 7.80 -25.31
CA PRO A 181 8.49 7.07 -26.40
C PRO A 181 7.92 5.67 -26.71
N PHE A 182 7.13 5.13 -25.76
CA PHE A 182 6.53 3.79 -25.89
C PHE A 182 5.11 3.87 -26.47
N GLY A 183 4.63 5.10 -26.63
CA GLY A 183 3.29 5.33 -27.16
C GLY A 183 3.35 6.05 -28.50
N PRO A 184 2.24 6.65 -28.92
CA PRO A 184 0.98 6.83 -28.16
C PRO A 184 0.23 5.56 -27.91
N PHE A 185 -0.69 5.63 -26.97
CA PHE A 185 -1.42 4.47 -26.47
C PHE A 185 -2.87 4.55 -26.93
N ASP A 186 -3.53 3.41 -26.87
CA ASP A 186 -4.97 3.36 -27.14
C ASP A 186 -5.80 3.68 -25.90
N LEU A 187 -5.24 3.40 -24.73
CA LEU A 187 -5.96 3.59 -23.49
C LEU A 187 -4.97 4.02 -22.40
N LEU A 188 -5.36 5.04 -21.61
CA LEU A 188 -4.59 5.47 -20.45
C LEU A 188 -5.46 5.25 -19.20
N VAL A 189 -4.90 4.62 -18.16
CA VAL A 189 -5.62 4.52 -16.87
C VAL A 189 -4.72 5.11 -15.80
N ALA A 190 -5.27 5.99 -14.96
CA ALA A 190 -4.42 6.71 -14.03
C ALA A 190 -5.17 6.93 -12.74
N ASN A 191 -4.70 6.24 -11.69
CA ASN A 191 -5.26 6.42 -10.35
C ASN A 191 -4.36 7.37 -9.55
N LEU A 192 -4.68 8.68 -9.59
CA LEU A 192 -3.79 9.75 -9.10
C LEU A 192 -4.67 10.81 -8.46
N TYR A 193 -4.08 11.79 -7.80
CA TYR A 193 -4.92 12.86 -7.20
C TYR A 193 -5.39 13.96 -8.21
N ALA A 194 -6.44 14.72 -7.84
CA ALA A 194 -7.13 15.60 -8.81
C ALA A 194 -6.22 16.64 -9.46
N GLU A 195 -5.31 17.20 -8.67
CA GLU A 195 -4.50 18.33 -9.12
C GLU A 195 -3.45 17.86 -10.13
N LEU A 196 -2.98 16.62 -9.97
CA LEU A 196 -2.03 16.06 -10.90
C LEU A 196 -2.71 15.77 -12.23
N HIS A 197 -3.87 15.11 -12.22
CA HIS A 197 -4.65 14.98 -13.47
C HIS A 197 -4.80 16.34 -14.20
N ALA A 198 -5.11 17.39 -13.45
CA ALA A 198 -5.37 18.69 -14.06
C ALA A 198 -4.13 19.23 -14.76
N ALA A 199 -2.98 19.06 -14.11
CA ALA A 199 -1.72 19.49 -14.68
C ALA A 199 -1.36 18.68 -15.92
N LEU A 200 -1.72 17.39 -15.90
CA LEU A 200 -1.28 16.45 -16.95
C LEU A 200 -2.19 16.40 -18.16
N ALA A 201 -3.41 16.91 -18.04
CA ALA A 201 -4.41 16.85 -19.10
C ALA A 201 -3.87 17.15 -20.53
N PRO A 202 -3.12 18.27 -20.74
CA PRO A 202 -2.55 18.49 -22.10
C PRO A 202 -1.62 17.35 -22.53
N ARG A 203 -0.88 16.79 -21.58
CA ARG A 203 0.05 15.71 -21.90
C ARG A 203 -0.69 14.39 -22.13
N TYR A 204 -1.83 14.21 -21.46
CA TYR A 204 -2.68 13.05 -21.68
C TYR A 204 -3.17 13.02 -23.13
N ARG A 205 -3.46 14.21 -23.69
CA ARG A 205 -3.86 14.31 -25.07
C ARG A 205 -2.74 13.77 -25.96
N GLU A 206 -1.51 14.17 -25.64
CA GLU A 206 -0.39 13.76 -26.46
C GLU A 206 -0.12 12.26 -26.39
N ALA A 207 -0.46 11.66 -25.26
CA ALA A 207 -0.21 10.26 -25.00
C ALA A 207 -1.16 9.27 -25.69
N LEU A 208 -2.27 9.78 -26.22
CA LEU A 208 -3.33 8.95 -26.75
C LEU A 208 -3.59 9.18 -28.24
N VAL A 209 -3.84 8.08 -28.96
CA VAL A 209 -4.31 8.18 -30.36
C VAL A 209 -5.76 8.66 -30.45
N PRO A 210 -6.11 9.37 -31.55
CA PRO A 210 -7.52 9.72 -31.71
C PRO A 210 -8.39 8.48 -31.61
N GLY A 211 -9.50 8.58 -30.89
CA GLY A 211 -10.39 7.45 -30.62
C GLY A 211 -9.99 6.70 -29.34
N GLY A 212 -8.86 7.10 -28.77
CA GLY A 212 -8.33 6.52 -27.49
C GLY A 212 -9.25 6.88 -26.32
N ARG A 213 -8.96 6.31 -25.15
CA ARG A 213 -9.75 6.56 -23.94
C ARG A 213 -8.79 6.93 -22.80
N ALA A 214 -9.17 7.92 -21.99
CA ALA A 214 -8.48 8.20 -20.71
C ALA A 214 -9.44 7.87 -19.56
N LEU A 215 -8.97 7.08 -18.60
CA LEU A 215 -9.80 6.63 -17.49
C LEU A 215 -9.12 7.15 -16.22
N LEU A 216 -9.68 8.22 -15.62
CA LEU A 216 -9.03 8.92 -14.50
C LEU A 216 -9.74 8.66 -13.18
N THR A 217 -9.00 8.16 -12.18
CA THR A 217 -9.61 8.04 -10.86
C THR A 217 -8.61 8.49 -9.79
N GLY A 218 -8.94 8.21 -8.53
CA GLY A 218 -8.16 8.76 -7.42
C GLY A 218 -8.69 10.14 -7.00
N ILE A 219 -9.84 10.50 -7.57
CA ILE A 219 -10.47 11.84 -7.51
C ILE A 219 -11.58 11.78 -6.45
N LEU A 220 -11.44 12.61 -5.43
CA LEU A 220 -12.51 12.86 -4.50
C LEU A 220 -13.67 13.53 -5.25
N LYS A 221 -14.89 13.14 -4.90
CA LYS A 221 -16.09 13.65 -5.51
C LYS A 221 -16.11 15.19 -5.64
N ASP A 222 -15.70 15.90 -4.58
CA ASP A 222 -15.76 17.36 -4.58
C ASP A 222 -14.65 18.04 -5.40
N ARG A 223 -13.66 17.26 -5.80
CA ARG A 223 -12.55 17.77 -6.64
C ARG A 223 -12.70 17.41 -8.13
N ALA A 224 -13.77 16.70 -8.47
CA ALA A 224 -14.09 16.35 -9.85
C ALA A 224 -14.24 17.54 -10.82
N PRO A 225 -14.89 18.66 -10.40
CA PRO A 225 -15.02 19.79 -11.33
C PRO A 225 -13.68 20.24 -11.93
N LEU A 226 -12.62 20.20 -11.13
CA LEU A 226 -11.27 20.61 -11.55
C LEU A 226 -10.77 19.73 -12.69
N VAL A 227 -11.05 18.43 -12.59
CA VAL A 227 -10.62 17.50 -13.61
C VAL A 227 -11.48 17.62 -14.86
N ARG A 228 -12.79 17.79 -14.69
CA ARG A 228 -13.65 18.05 -15.86
C ARG A 228 -13.19 19.29 -16.63
N GLU A 229 -12.84 20.35 -15.90
CA GLU A 229 -12.37 21.63 -16.47
C GLU A 229 -11.07 21.40 -17.25
N ALA A 230 -10.11 20.74 -16.60
CA ALA A 230 -8.82 20.44 -17.22
C ALA A 230 -8.96 19.65 -18.52
N MET A 231 -9.80 18.60 -18.49
CA MET A 231 -9.91 17.68 -19.64
C MET A 231 -10.70 18.35 -20.78
N ALA A 232 -11.68 19.18 -20.43
CA ALA A 232 -12.33 20.06 -21.41
C ALA A 232 -11.32 21.01 -22.10
N GLY A 233 -10.47 21.67 -21.30
CA GLY A 233 -9.48 22.64 -21.84
C GLY A 233 -8.47 22.02 -22.81
N ALA A 234 -8.26 20.73 -22.61
CA ALA A 234 -7.32 19.88 -23.39
C ALA A 234 -8.01 19.10 -24.52
N GLY A 235 -9.29 19.38 -24.75
CA GLY A 235 -10.00 18.84 -25.92
C GLY A 235 -10.63 17.46 -25.83
N PHE A 236 -10.72 16.90 -24.63
CA PHE A 236 -11.36 15.60 -24.46
C PHE A 236 -12.88 15.71 -24.49
N ARG A 237 -13.51 14.64 -24.94
CA ARG A 237 -14.96 14.48 -24.92
C ARG A 237 -15.36 13.62 -23.71
N PRO A 238 -16.35 14.06 -22.92
CA PRO A 238 -16.74 13.29 -21.75
C PRO A 238 -17.50 12.01 -22.11
N LEU A 239 -17.09 10.90 -21.49
CA LEU A 239 -17.85 9.66 -21.52
C LEU A 239 -18.53 9.51 -20.15
N GLU A 240 -18.63 8.29 -19.62
CA GLU A 240 -19.35 8.11 -18.37
C GLU A 240 -18.57 8.61 -17.16
N GLU A 241 -19.30 8.83 -16.06
CA GLU A 241 -18.69 8.97 -14.75
C GLU A 241 -19.20 7.82 -13.89
N ALA A 242 -18.36 7.35 -12.97
CA ALA A 242 -18.72 6.29 -12.04
C ALA A 242 -18.27 6.68 -10.65
N ALA A 243 -18.97 6.18 -9.64
CA ALA A 243 -18.61 6.49 -8.26
C ALA A 243 -18.67 5.27 -7.36
N GLU A 244 -17.85 5.29 -6.31
CA GLU A 244 -17.97 4.35 -5.20
C GLU A 244 -17.54 5.12 -3.95
N GLY A 245 -18.44 5.20 -2.98
CA GLY A 245 -18.20 6.05 -1.79
C GLY A 245 -17.88 7.47 -2.19
N GLU A 246 -16.82 8.04 -1.62
CA GLU A 246 -16.46 9.44 -1.89
C GLU A 246 -15.62 9.59 -3.17
N TRP A 247 -15.34 8.48 -3.85
CA TRP A 247 -14.40 8.48 -4.97
C TRP A 247 -15.12 8.42 -6.32
N VAL A 248 -14.52 9.04 -7.34
CA VAL A 248 -15.13 9.01 -8.68
C VAL A 248 -14.09 8.56 -9.71
N LEU A 249 -14.59 7.98 -10.80
CA LEU A 249 -13.78 7.74 -11.98
C LEU A 249 -14.44 8.51 -13.14
N LEU A 250 -13.64 9.26 -13.88
CA LEU A 250 -14.09 10.06 -15.00
C LEU A 250 -13.47 9.54 -16.30
N ALA A 251 -14.31 9.14 -17.25
CA ALA A 251 -13.84 8.54 -18.52
C ALA A 251 -13.95 9.59 -19.63
N TYR A 252 -12.93 9.61 -20.50
CA TYR A 252 -12.84 10.60 -21.59
C TYR A 252 -12.43 9.96 -22.91
N GLY A 253 -12.96 10.54 -24.00
CA GLY A 253 -12.60 10.16 -25.37
C GLY A 253 -11.63 11.17 -25.96
N ARG A 254 -10.60 10.64 -26.62
CA ARG A 254 -9.55 11.36 -27.32
C ARG A 254 -9.92 11.52 -28.82
CAA 4MM B 1 -6.58 12.20 -3.33
SAI 4MM B 1 -6.08 11.67 -1.71
CAG 4MM B 1 -5.05 10.24 -1.83
CAH 4MM B 1 -5.61 9.34 -2.94
CA 4MM B 1 -4.57 8.34 -3.47
C 4MM B 1 -4.18 7.41 -2.35
N 4MM B 1 -4.99 7.58 -4.67
CAB 4MM B 1 -6.29 6.88 -4.50
CAC 4MM B 1 -3.96 6.58 -5.02
CAD 4MM B 1 -5.07 8.49 -5.81
O 4MM B 1 -4.96 6.60 -1.80
N LYS B 2 -2.58 7.75 -1.94
CA LYS B 2 -2.17 6.83 -0.85
C LYS B 2 -2.68 7.42 0.48
N LYS B 3 -3.97 7.20 0.75
CA LYS B 3 -4.63 7.72 1.96
C LYS B 3 -4.09 6.96 3.19
N VAL B 4 -3.53 7.70 4.14
CA VAL B 4 -2.96 7.09 5.36
C VAL B 4 -4.04 6.80 6.40
N VAL B 5 -4.10 5.57 6.90
CA VAL B 5 -5.03 5.25 8.01
C VAL B 5 -4.38 5.12 9.40
N ALA B 6 -3.05 4.95 9.43
CA ALA B 6 -2.32 4.85 10.69
C ALA B 6 -0.85 5.13 10.48
N VAL B 7 -0.23 5.70 11.51
CA VAL B 7 1.23 5.75 11.63
C VAL B 7 1.59 5.05 12.93
N VAL B 8 2.11 3.84 12.81
CA VAL B 8 2.45 3.03 13.98
C VAL B 8 3.92 3.27 14.35
N LYS B 9 4.15 3.70 15.60
CA LYS B 9 5.49 3.90 16.13
C LYS B 9 5.89 2.75 17.06
N LEU B 10 6.93 2.03 16.66
CA LEU B 10 7.51 0.93 17.46
C LEU B 10 8.98 1.22 17.79
N GLN B 11 9.51 0.45 18.75
CA GLN B 11 10.95 0.32 18.93
C GLN B 11 11.23 -1.17 19.05
N LEU B 12 12.05 -1.68 18.14
CA LEU B 12 12.39 -3.11 18.10
C LEU B 12 13.91 -3.33 18.12
N PRO B 13 14.36 -4.43 18.75
CA PRO B 13 15.79 -4.78 18.66
C PRO B 13 16.07 -5.13 17.21
N ALA B 14 17.25 -4.74 16.73
CA ALA B 14 17.66 -4.96 15.34
C ALA B 14 17.61 -6.43 14.99
N GLY B 15 16.99 -6.75 13.86
CA GLY B 15 16.85 -8.13 13.40
C GLY B 15 15.94 -9.02 14.24
N ALA B 16 15.16 -8.41 15.13
CA ALA B 16 14.33 -9.17 16.08
C ALA B 16 12.82 -8.90 15.97
N ALA B 17 12.37 -8.45 14.80
CA ALA B 17 10.95 -8.36 14.53
C ALA B 17 10.39 -9.77 14.46
N THR B 18 9.19 -9.97 15.02
CA THR B 18 8.51 -11.27 14.95
C THR B 18 7.03 -11.01 14.72
N PRO B 19 6.28 -12.03 14.31
CA PRO B 19 4.82 -11.85 14.20
C PRO B 19 4.07 -11.82 15.54
N ALA B 20 4.78 -12.02 16.65
CA ALA B 20 4.22 -11.86 18.00
C ALA B 20 4.14 -10.37 18.32
N PRO B 21 3.54 -10.01 19.46
CA PRO B 21 3.54 -8.61 19.87
C PRO B 21 4.95 -8.09 20.05
N PRO B 22 5.19 -6.81 19.72
CA PRO B 22 4.18 -5.82 19.29
C PRO B 22 3.75 -5.83 17.82
N VAL B 23 4.58 -6.39 16.92
CA VAL B 23 4.32 -6.23 15.48
C VAL B 23 2.98 -6.85 15.08
N GLY B 24 2.71 -8.05 15.60
CA GLY B 24 1.47 -8.77 15.25
C GLY B 24 0.21 -7.92 15.37
N PRO B 25 -0.15 -7.55 16.62
CA PRO B 25 -1.32 -6.70 16.89
C PRO B 25 -1.22 -5.31 16.28
N ALA B 26 -0.01 -4.72 16.26
CA ALA B 26 0.13 -3.34 15.78
C ALA B 26 -0.19 -3.21 14.29
N LEU B 27 0.36 -4.10 13.47
CA LEU B 27 0.12 -4.06 12.03
C LEU B 27 -1.20 -4.76 11.73
N GLY B 28 -1.48 -5.85 12.46
CA GLY B 28 -2.73 -6.60 12.27
C GLY B 28 -3.98 -5.74 12.45
N GLN B 29 -3.94 -4.79 13.37
CA GLN B 29 -5.09 -3.92 13.65
C GLN B 29 -5.59 -3.24 12.38
N HIS B 30 -4.64 -2.87 11.53
CA HIS B 30 -4.94 -2.14 10.30
C HIS B 30 -4.86 -2.97 9.02
N GLY B 31 -4.81 -4.30 9.20
CA GLY B 31 -4.90 -5.22 8.07
C GLY B 31 -3.62 -5.34 7.23
N ALA B 32 -2.49 -4.87 7.77
CA ALA B 32 -1.22 -4.86 7.04
C ALA B 32 -0.52 -6.24 7.10
N ASN B 33 0.27 -6.53 6.07
CA ASN B 33 0.96 -7.83 5.99
C ASN B 33 2.11 -7.93 6.98
N ILE B 34 1.81 -8.52 8.12
CA ILE B 34 2.74 -8.63 9.27
C ILE B 34 4.06 -9.27 8.82
N MET B 35 3.97 -10.39 8.12
CA MET B 35 5.21 -11.13 7.77
C MET B 35 6.09 -10.38 6.77
N GLU B 36 5.47 -9.62 5.87
CA GLU B 36 6.20 -8.78 4.95
C GLU B 36 7.00 -7.74 5.72
N PHE B 37 6.36 -7.11 6.72
CA PHE B 37 7.11 -6.19 7.57
C PHE B 37 8.25 -6.90 8.29
N VAL B 38 7.96 -8.04 8.91
CA VAL B 38 8.97 -8.77 9.71
C VAL B 38 10.20 -9.05 8.84
N LYS B 39 9.96 -9.61 7.66
CA LYS B 39 11.04 -9.94 6.72
C LYS B 39 11.84 -8.70 6.31
N ALA B 40 11.12 -7.64 5.93
CA ALA B 40 11.72 -6.40 5.42
C ALA B 40 12.48 -5.66 6.52
N PHE B 41 11.86 -5.53 7.70
CA PHE B 41 12.55 -4.91 8.84
C PHE B 41 13.82 -5.66 9.19
N ASN B 42 13.73 -6.99 9.31
CA ASN B 42 14.90 -7.79 9.71
C ASN B 42 16.03 -7.72 8.70
N ALA B 43 15.69 -7.67 7.41
CA ALA B 43 16.68 -7.50 6.34
C ALA B 43 17.35 -6.12 6.41
N ALA B 44 16.54 -5.07 6.59
CA ALA B 44 17.03 -3.69 6.68
C ALA B 44 17.90 -3.42 7.90
N THR B 45 17.68 -4.16 8.99
CA THR B 45 18.43 -3.93 10.25
C THR B 45 19.42 -5.06 10.57
N ALA B 46 19.68 -5.92 9.59
CA ALA B 46 20.47 -7.14 9.77
C ALA B 46 21.92 -6.93 10.19
N ASN B 47 22.50 -5.80 9.79
CA ASN B 47 23.88 -5.48 10.13
C ASN B 47 24.04 -4.45 11.26
N MET B 48 23.04 -4.39 12.14
CA MET B 48 23.01 -3.39 13.20
C MET B 48 23.29 -3.95 14.59
N GLY B 49 23.58 -5.26 14.64
CA GLY B 49 23.94 -5.92 15.89
C GLY B 49 22.77 -6.00 16.84
N ASP B 50 22.93 -5.38 18.01
CA ASP B 50 21.89 -5.42 19.04
C ASP B 50 21.22 -4.05 19.29
N ALA B 51 21.41 -3.13 18.35
CA ALA B 51 20.86 -1.78 18.50
C ALA B 51 19.33 -1.80 18.58
N ILE B 52 18.79 -0.86 19.36
CA ILE B 52 17.36 -0.61 19.39
C ILE B 52 16.99 0.27 18.20
N VAL B 53 16.04 -0.20 17.41
CA VAL B 53 15.62 0.49 16.17
C VAL B 53 14.20 1.03 16.27
N PRO B 54 14.07 2.37 16.37
CA PRO B 54 12.76 3.00 16.20
C PRO B 54 12.32 2.86 14.76
N VAL B 55 11.05 2.55 14.57
CA VAL B 55 10.50 2.33 13.25
C VAL B 55 9.08 2.91 13.20
N GLU B 56 8.75 3.58 12.10
CA GLU B 56 7.43 4.14 11.90
C GLU B 56 6.81 3.44 10.72
N ILE B 57 5.66 2.80 10.94
CA ILE B 57 4.97 2.10 9.87
C ILE B 57 3.76 2.92 9.46
N THR B 58 3.75 3.33 8.19
CA THR B 58 2.64 4.10 7.63
C THR B 58 1.74 3.12 6.88
N ILE B 59 0.48 3.02 7.32
CA ILE B 59 -0.42 2.03 6.76
C ILE B 59 -1.48 2.77 5.95
N TYR B 60 -1.69 2.31 4.72
CA TYR B 60 -2.62 2.98 3.80
C TYR B 60 -4.00 2.35 3.82
N ALA B 61 -4.95 3.03 3.19
CA ALA B 61 -6.36 2.63 3.21
C ALA B 61 -6.66 1.29 2.54
N ASP B 62 -5.75 0.79 1.69
CA ASP B 62 -5.95 -0.51 1.01
C ASP B 62 -5.12 -1.64 1.66
N ARG B 63 -4.56 -1.36 2.84
CA ARG B 63 -3.80 -2.31 3.68
C ARG B 63 -2.32 -2.38 3.33
N SER B 64 -1.93 -1.79 2.20
CA SER B 64 -0.51 -1.63 1.89
C SER B 64 0.17 -0.73 2.92
N PHE B 65 1.49 -0.83 3.03
CA PHE B 65 2.21 -0.05 4.05
C PHE B 65 3.61 0.25 3.56
N THR B 66 4.23 1.24 4.17
CA THR B 66 5.65 1.49 4.04
C THR B 66 6.20 1.74 5.44
N PHE B 67 7.51 1.68 5.58
CA PHE B 67 8.13 1.99 6.87
C PHE B 67 9.45 2.70 6.71
N VAL B 68 9.83 3.39 7.78
CA VAL B 68 11.10 4.09 7.87
C VAL B 68 11.68 3.72 9.23
N THR B 69 12.97 3.43 9.27
CA THR B 69 13.66 3.20 10.54
C THR B 69 14.44 4.46 10.88
N LYS B 70 14.55 4.74 12.18
CA LYS B 70 15.26 5.93 12.65
C LYS B 70 16.56 5.56 13.35
N THR B 71 17.32 6.58 13.71
CA THR B 71 18.58 6.44 14.44
C THR B 71 18.28 5.99 15.86
N PRO B 72 19.15 5.11 16.43
CA PRO B 72 19.01 4.67 17.83
C PRO B 72 18.68 5.84 18.74
N PRO B 73 17.78 5.63 19.73
CA PRO B 73 17.34 6.74 20.60
C PRO B 73 18.50 7.37 21.36
N ALA B 74 18.36 8.65 21.70
CA ALA B 74 19.41 9.42 22.38
C ALA B 74 19.98 8.69 23.59
N SER B 75 19.09 8.28 24.48
CA SER B 75 19.50 7.53 25.68
C SER B 75 20.48 6.41 25.33
N TYR B 76 20.03 5.45 24.54
CA TYR B 76 20.88 4.33 24.12
C TYR B 76 22.32 4.79 23.88
N LEU B 77 22.56 5.36 22.70
CA LEU B 77 23.91 5.77 22.29
C LEU B 77 24.56 6.79 23.23
N ILE B 78 23.75 7.45 24.05
CA ILE B 78 24.26 8.49 24.94
C ILE B 78 25.23 7.92 25.97
N SAH C . -2.53 1.88 -10.05
CA SAH C . -2.59 1.41 -8.62
CB SAH C . -1.80 2.29 -7.67
CG SAH C . -2.39 3.69 -7.44
SD SAH C . -1.50 4.61 -6.13
C SAH C . -4.04 1.36 -8.18
O SAH C . -4.36 0.94 -7.06
OXT SAH C . -4.87 1.78 -8.98
C5' SAH C . -0.74 5.94 -7.13
C4' SAH C . 0.68 5.67 -7.60
O4' SAH C . 1.12 6.77 -8.40
C3' SAH C . 1.73 5.52 -6.46
O3' SAH C . 2.37 4.25 -6.55
C2' SAH C . 2.69 6.68 -6.70
O2' SAH C . 4.05 6.41 -6.48
C1' SAH C . 2.48 6.98 -8.17
N9 SAH C . 2.72 8.38 -8.57
C8 SAH C . 2.46 9.54 -7.85
N7 SAH C . 2.76 10.59 -8.64
C5 SAH C . 3.15 10.13 -9.86
C6 SAH C . 3.57 10.75 -11.04
N6 SAH C . 3.65 12.10 -11.11
N1 SAH C . 3.90 9.96 -12.12
C2 SAH C . 3.85 8.58 -12.05
N3 SAH C . 3.46 7.96 -10.90
C4 SAH C . 3.11 8.73 -9.83
C1 GOL D . 11.14 -6.20 -17.75
O1 GOL D . 10.31 -7.12 -18.43
C2 GOL D . 10.58 -4.81 -17.98
O2 GOL D . 9.41 -4.70 -17.19
C3 GOL D . 11.67 -3.85 -17.57
O3 GOL D . 11.37 -2.52 -17.97
C1 GOL E . 5.29 -1.72 -25.42
O1 GOL E . 5.19 -0.31 -25.58
C2 GOL E . 5.26 -2.11 -23.97
O2 GOL E . 4.00 -1.78 -23.44
C3 GOL E . 5.50 -3.64 -23.81
O3 GOL E . 4.47 -4.19 -22.95
C1 GOL F . -19.76 2.47 -21.00
O1 GOL F . -20.69 1.94 -20.11
C2 GOL F . -20.29 3.78 -21.56
O2 GOL F . -19.20 4.40 -22.20
C3 GOL F . -21.45 3.56 -22.55
O3 GOL F . -21.93 4.80 -23.09
C1 GOL G . -11.77 -15.73 1.73
O1 GOL G . -12.00 -15.64 3.12
C2 GOL G . -11.82 -17.18 1.26
O2 GOL G . -12.38 -17.24 -0.03
C3 GOL G . -10.40 -17.73 1.24
O3 GOL G . -10.12 -18.30 -0.02
CL CL H . -1.52 -7.40 22.73
I IOD I . -0.68 9.30 -4.83
#